data_3OAK
#
_entry.id   3OAK
#
_cell.length_a   105.858
_cell.length_b   68.697
_cell.length_c   73.966
_cell.angle_alpha   90.00
_cell.angle_beta   90.00
_cell.angle_gamma   90.00
#
_symmetry.space_group_name_H-M   'P 21 21 2'
#
loop_
_entity.id
_entity.type
_entity.pdbx_description
1 polymer 'Transcription factor IWS1'
2 polymer 'Transcription elongation factor SPT6'
3 water water
#
loop_
_entity_poly.entity_id
_entity_poly.type
_entity_poly.pdbx_seq_one_letter_code
_entity_poly.pdbx_strand_id
1 'polypeptide(L)'
;GIDPFTDDLEQYLDEKILRLKDEMNIAAQLDIDTLNKRIETGDTSLIAMQKVKLLPKVVSVLSKANLADTILDNNLLQSV
RIWLEPLPDGSLPSFEIQKSLFAALNDLPVKTEHLKESGLGRVVIFYTKSKRVEAQLARLAEKLIAEWTRP
;
A,B
2 'polypeptide(L)' DPFTHMSDKIDEMYDIFGDGHDYDWALEIEN C,D
#
# COMPACT_ATOMS: atom_id res chain seq x y z
N GLY A 1 -6.54 -0.69 -1.19
CA GLY A 1 -7.61 0.26 -0.98
C GLY A 1 -8.44 0.55 -2.23
N ILE A 2 -7.95 0.17 -3.40
CA ILE A 2 -8.73 0.35 -4.63
C ILE A 2 -9.86 -0.68 -4.70
N ASP A 3 -10.98 -0.24 -5.24
CA ASP A 3 -12.17 -1.06 -5.37
C ASP A 3 -12.15 -1.75 -6.73
N PRO A 4 -12.03 -3.08 -6.75
CA PRO A 4 -11.93 -3.83 -8.01
C PRO A 4 -13.09 -3.58 -8.98
N PHE A 5 -14.28 -3.34 -8.47
CA PHE A 5 -15.46 -3.16 -9.32
C PHE A 5 -15.75 -1.71 -9.67
N THR A 6 -14.72 -0.87 -9.58
CA THR A 6 -14.78 0.49 -10.08
C THR A 6 -13.95 0.58 -11.35
N ASP A 7 -14.22 1.60 -12.14
CA ASP A 7 -13.52 1.78 -13.41
C ASP A 7 -12.12 2.38 -13.19
N ASP A 8 -11.37 2.58 -14.27
CA ASP A 8 -9.98 2.92 -14.14
C ASP A 8 -9.83 4.26 -13.43
N LEU A 9 -10.70 5.20 -13.76
CA LEU A 9 -10.60 6.54 -13.21
C LEU A 9 -10.70 6.49 -11.68
N GLU A 10 -11.70 5.78 -11.17
CA GLU A 10 -11.87 5.67 -9.73
C GLU A 10 -10.66 4.99 -9.07
N GLN A 11 -10.11 3.95 -9.71
CA GLN A 11 -8.93 3.29 -9.15
C GLN A 11 -7.73 4.24 -9.18
N TYR A 12 -7.65 5.05 -10.20
CA TYR A 12 -6.57 5.97 -10.37
C TYR A 12 -6.59 7.03 -9.23
N LEU A 13 -7.79 7.51 -8.90
CA LEU A 13 -7.93 8.47 -7.81
C LEU A 13 -7.67 7.83 -6.44
N ASP A 14 -8.26 6.66 -6.20
CA ASP A 14 -7.92 5.95 -4.98
C ASP A 14 -6.42 5.78 -4.86
N GLU A 15 -5.73 5.31 -5.92
CA GLU A 15 -4.28 5.13 -5.86
C GLU A 15 -3.57 6.45 -5.55
N LYS A 16 -4.06 7.56 -6.10
CA LYS A 16 -3.36 8.83 -5.92
C LYS A 16 -3.37 9.17 -4.43
N ILE A 17 -4.55 8.98 -3.80
CA ILE A 17 -4.73 9.32 -2.41
C ILE A 17 -4.00 8.30 -1.54
N LEU A 18 -4.00 7.01 -1.94
CA LEU A 18 -3.30 6.01 -1.12
C LEU A 18 -1.78 6.22 -1.18
N ARG A 19 -1.27 6.69 -2.31
CA ARG A 19 0.15 6.97 -2.47
C ARG A 19 0.51 8.16 -1.58
N LEU A 20 -0.38 9.14 -1.55
CA LEU A 20 -0.12 10.34 -0.78
C LEU A 20 -0.13 10.01 0.71
N LYS A 21 -1.01 9.08 1.09
CA LYS A 21 -1.16 8.70 2.47
C LYS A 21 0.14 8.07 2.95
N ASP A 22 0.70 7.18 2.13
CA ASP A 22 1.97 6.55 2.44
C ASP A 22 3.17 7.53 2.46
N GLU A 23 3.20 8.44 1.50
CA GLU A 23 4.26 9.43 1.46
C GLU A 23 4.19 10.33 2.70
N MET A 24 2.98 10.71 3.12
CA MET A 24 2.83 11.52 4.33
C MET A 24 3.31 10.77 5.55
N ASN A 25 2.99 9.47 5.62
CA ASN A 25 3.41 8.63 6.76
C ASN A 25 4.92 8.48 6.79
N ILE A 26 5.55 8.28 5.64
CA ILE A 26 7.01 8.17 5.60
C ILE A 26 7.63 9.51 6.07
N ALA A 27 7.10 10.63 5.59
CA ALA A 27 7.66 11.94 5.92
C ALA A 27 7.57 12.19 7.45
N ALA A 28 6.41 11.91 8.03
CA ALA A 28 6.22 12.08 9.47
C ALA A 28 7.20 11.18 10.24
N GLN A 29 7.30 9.93 9.84
CA GLN A 29 8.19 8.99 10.54
C GLN A 29 9.69 9.42 10.44
N LEU A 30 10.11 9.93 9.28
CA LEU A 30 11.47 10.43 9.11
C LEU A 30 11.71 11.67 9.97
N ASP A 31 10.74 12.56 10.08
CA ASP A 31 10.93 13.71 10.94
C ASP A 31 11.01 13.23 12.41
N ILE A 32 10.16 12.27 12.81
CA ILE A 32 10.22 11.73 14.17
C ILE A 32 11.61 11.12 14.44
N ASP A 33 12.13 10.34 13.49
CA ASP A 33 13.46 9.71 13.65
C ASP A 33 14.51 10.80 13.87
N THR A 34 14.40 11.87 13.10
CA THR A 34 15.33 12.99 13.16
C THR A 34 15.28 13.64 14.53
N LEU A 35 14.07 13.83 15.07
CA LEU A 35 13.92 14.43 16.38
C LEU A 35 14.32 13.48 17.52
N ASN A 36 14.18 12.16 17.35
CA ASN A 36 14.72 11.25 18.36
C ASN A 36 16.23 11.23 18.26
N LYS A 37 16.73 11.26 17.04
CA LYS A 37 18.17 11.26 16.82
C LYS A 37 18.75 12.53 17.38
N ARG A 38 17.95 13.59 17.35
CA ARG A 38 18.41 14.88 17.82
C ARG A 38 18.45 14.91 19.35
N ILE A 39 17.72 13.98 19.96
CA ILE A 39 17.64 13.90 21.40
C ILE A 39 18.73 12.96 21.92
N GLU A 40 18.76 11.73 21.39
CA GLU A 40 19.75 10.75 21.79
C GLU A 40 21.13 11.34 21.61
N THR A 41 21.40 11.84 20.42
CA THR A 41 22.53 12.72 20.18
C THR A 41 22.01 14.12 20.35
N GLY A 42 22.73 14.94 21.09
CA GLY A 42 22.38 16.35 21.21
C GLY A 42 22.88 17.19 20.04
N ASP A 43 22.82 16.66 18.82
CA ASP A 43 23.26 17.42 17.65
C ASP A 43 22.21 18.46 17.23
N THR A 44 22.53 19.72 17.50
CA THR A 44 21.61 20.84 17.36
C THR A 44 21.40 21.29 15.91
N SER A 45 22.18 20.75 14.99
CA SER A 45 21.99 21.11 13.59
C SER A 45 20.77 20.38 13.02
N LEU A 46 20.38 19.28 13.65
CA LEU A 46 19.32 18.41 13.13
C LEU A 46 17.92 19.04 13.09
N ILE A 47 17.38 19.25 11.90
CA ILE A 47 16.01 19.75 11.82
C ILE A 47 15.12 18.83 10.98
N ALA A 48 13.84 18.79 11.33
CA ALA A 48 12.86 17.93 10.66
C ALA A 48 12.15 18.71 9.58
N MET A 49 12.44 18.41 8.32
CA MET A 49 11.86 19.15 7.20
C MET A 49 11.12 18.28 6.13
N GLN A 50 10.95 17.00 6.38
CA GLN A 50 10.29 16.16 5.35
C GLN A 50 8.80 16.46 5.19
N LYS A 51 8.13 16.76 6.30
CA LYS A 51 6.72 17.14 6.24
C LYS A 51 6.59 18.50 5.50
N VAL A 52 7.47 19.44 5.83
CA VAL A 52 7.44 20.76 5.22
C VAL A 52 7.70 20.63 3.72
N LYS A 53 8.68 19.84 3.33
CA LYS A 53 8.94 19.57 1.92
C LYS A 53 7.71 19.00 1.15
N LEU A 54 6.91 18.16 1.80
CA LEU A 54 5.82 17.46 1.08
C LEU A 54 4.53 18.27 1.19
N LEU A 55 4.53 19.33 2.00
CA LEU A 55 3.27 20.02 2.32
C LEU A 55 2.51 20.58 1.06
N PRO A 56 3.23 21.19 0.10
CA PRO A 56 2.55 21.72 -1.09
C PRO A 56 1.77 20.63 -1.82
N LYS A 57 2.35 19.44 -1.89
CA LYS A 57 1.65 18.33 -2.54
C LYS A 57 0.38 17.97 -1.74
N VAL A 58 0.47 17.98 -0.39
CA VAL A 58 -0.65 17.63 0.45
C VAL A 58 -1.76 18.68 0.29
N VAL A 59 -1.37 19.96 0.32
CA VAL A 59 -2.31 21.08 0.21
C VAL A 59 -3.02 21.06 -1.15
N SER A 60 -2.27 20.73 -2.18
CA SER A 60 -2.87 20.66 -3.50
C SER A 60 -3.97 19.58 -3.58
N VAL A 61 -3.73 18.41 -2.99
CA VAL A 61 -4.76 17.37 -3.00
C VAL A 61 -5.95 17.75 -2.09
N LEU A 62 -5.66 18.23 -0.88
CA LEU A 62 -6.71 18.55 0.09
C LEU A 62 -7.66 19.67 -0.41
N SER A 63 -7.14 20.55 -1.25
CA SER A 63 -7.92 21.70 -1.69
C SER A 63 -8.83 21.43 -2.90
N LYS A 64 -8.80 20.22 -3.46
CA LYS A 64 -9.64 19.90 -4.62
C LYS A 64 -10.97 19.28 -4.20
N ALA A 65 -12.05 20.04 -4.35
CA ALA A 65 -13.40 19.60 -3.98
C ALA A 65 -13.72 18.26 -4.65
N ASN A 66 -13.29 18.05 -5.90
CA ASN A 66 -13.68 16.80 -6.55
C ASN A 66 -12.83 15.64 -6.04
N LEU A 67 -11.93 15.88 -5.08
CA LEU A 67 -11.21 14.76 -4.46
C LEU A 67 -11.73 14.46 -3.04
N ALA A 68 -12.68 15.26 -2.55
CA ALA A 68 -13.18 15.09 -1.18
C ALA A 68 -13.62 13.64 -0.86
N ASP A 69 -14.46 13.06 -1.71
CA ASP A 69 -14.94 11.68 -1.49
C ASP A 69 -13.77 10.72 -1.36
N THR A 70 -12.83 10.84 -2.28
CA THR A 70 -11.70 9.91 -2.33
C THR A 70 -10.81 10.08 -1.08
N ILE A 71 -10.56 11.33 -0.71
CA ILE A 71 -9.85 11.67 0.52
C ILE A 71 -10.53 11.06 1.77
N LEU A 72 -11.83 11.29 1.90
CA LEU A 72 -12.56 10.79 3.06
C LEU A 72 -12.68 9.27 3.07
N ASP A 73 -13.02 8.66 1.93
CA ASP A 73 -13.18 7.19 1.83
C ASP A 73 -11.91 6.41 2.12
N ASN A 74 -10.75 7.00 1.83
CA ASN A 74 -9.49 6.27 2.02
C ASN A 74 -8.77 6.60 3.33
N ASN A 75 -9.45 7.32 4.22
CA ASN A 75 -8.86 7.69 5.51
C ASN A 75 -7.53 8.51 5.41
N LEU A 76 -7.41 9.40 4.42
CA LEU A 76 -6.26 10.29 4.36
C LEU A 76 -6.17 11.11 5.67
N LEU A 77 -7.32 11.42 6.27
CA LEU A 77 -7.34 12.23 7.50
C LEU A 77 -6.56 11.56 8.63
N GLN A 78 -6.34 10.26 8.54
CA GLN A 78 -5.52 9.63 9.56
C GLN A 78 -4.09 10.17 9.46
N SER A 79 -3.61 10.37 8.24
CA SER A 79 -2.28 10.93 7.99
C SER A 79 -2.18 12.42 8.37
N VAL A 80 -3.26 13.17 8.13
CA VAL A 80 -3.37 14.54 8.61
C VAL A 80 -3.26 14.59 10.15
N ARG A 81 -3.99 13.73 10.85
CA ARG A 81 -3.89 13.68 12.30
C ARG A 81 -2.43 13.47 12.74
N ILE A 82 -1.76 12.50 12.11
CA ILE A 82 -0.37 12.21 12.43
C ILE A 82 0.53 13.42 12.18
N TRP A 83 0.27 14.18 11.11
CA TRP A 83 1.04 15.40 10.84
C TRP A 83 0.82 16.49 11.91
N LEU A 84 -0.38 16.54 12.50
CA LEU A 84 -0.65 17.55 13.55
C LEU A 84 -0.13 17.16 14.96
N GLU A 85 0.20 15.89 15.19
CA GLU A 85 0.49 15.40 16.54
C GLU A 85 1.79 15.98 17.10
N PRO A 86 1.79 16.27 18.40
CA PRO A 86 3.06 16.77 18.93
C PRO A 86 4.14 15.74 18.69
N LEU A 87 5.36 16.20 18.47
CA LEU A 87 6.52 15.32 18.35
C LEU A 87 7.02 14.82 19.73
N PRO A 88 7.97 13.88 19.70
CA PRO A 88 8.45 13.20 20.92
C PRO A 88 8.96 14.15 22.03
N ASP A 89 9.44 15.33 21.66
CA ASP A 89 9.87 16.32 22.66
C ASP A 89 8.78 17.33 23.03
N GLY A 90 7.55 17.07 22.60
CA GLY A 90 6.41 17.92 22.90
C GLY A 90 6.23 19.12 21.96
N SER A 91 7.15 19.28 21.01
CA SER A 91 7.10 20.40 20.09
C SER A 91 6.05 20.13 19.00
N LEU A 92 5.38 21.19 18.52
CA LEU A 92 4.41 21.11 17.43
C LEU A 92 5.05 21.15 16.03
N PRO A 93 4.32 20.71 14.98
CA PRO A 93 4.85 20.96 13.64
C PRO A 93 4.83 22.47 13.30
N SER A 94 5.46 22.88 12.20
CA SER A 94 5.61 24.30 11.86
C SER A 94 4.24 24.97 11.71
N PHE A 95 4.23 26.28 11.92
CA PHE A 95 3.00 27.06 11.77
C PHE A 95 2.39 26.82 10.39
N GLU A 96 3.22 26.80 9.34
CA GLU A 96 2.70 26.66 7.98
C GLU A 96 1.89 25.35 7.85
N ILE A 97 2.39 24.28 8.45
CA ILE A 97 1.71 23.00 8.41
C ILE A 97 0.39 23.04 9.18
N GLN A 98 0.39 23.65 10.35
CA GLN A 98 -0.82 23.73 11.15
C GLN A 98 -1.88 24.52 10.39
N LYS A 99 -1.50 25.73 9.95
CA LYS A 99 -2.45 26.60 9.29
C LYS A 99 -2.99 25.95 7.99
N SER A 100 -2.10 25.42 7.15
CA SER A 100 -2.54 24.81 5.89
C SER A 100 -3.50 23.65 6.16
N LEU A 101 -3.25 22.85 7.20
CA LEU A 101 -4.08 21.66 7.41
C LEU A 101 -5.46 22.07 7.95
N PHE A 102 -5.48 23.00 8.90
CA PHE A 102 -6.73 23.47 9.46
C PHE A 102 -7.60 24.16 8.41
N ALA A 103 -6.99 24.92 7.51
CA ALA A 103 -7.75 25.65 6.51
C ALA A 103 -8.38 24.62 5.58
N ALA A 104 -7.62 23.57 5.24
CA ALA A 104 -8.19 22.53 4.40
C ALA A 104 -9.33 21.75 5.11
N LEU A 105 -9.21 21.53 6.42
CA LEU A 105 -10.24 20.82 7.15
C LEU A 105 -11.55 21.63 7.17
N ASN A 106 -11.40 22.94 7.24
CA ASN A 106 -12.53 23.85 7.24
C ASN A 106 -13.40 23.62 6.01
N ASP A 107 -12.76 23.28 4.89
CA ASP A 107 -13.49 23.10 3.63
C ASP A 107 -13.97 21.67 3.37
N LEU A 108 -13.41 20.67 4.04
CA LEU A 108 -13.86 19.29 3.85
C LEU A 108 -15.14 18.94 4.60
N PRO A 109 -16.04 18.17 3.96
CA PRO A 109 -17.27 17.66 4.61
C PRO A 109 -17.01 16.48 5.55
N VAL A 110 -16.24 16.71 6.61
CA VAL A 110 -15.92 15.65 7.54
C VAL A 110 -17.16 15.16 8.34
N LYS A 111 -17.31 13.84 8.43
CA LYS A 111 -18.39 13.21 9.17
C LYS A 111 -17.84 12.47 10.39
N THR A 112 -18.73 12.09 11.29
CA THR A 112 -18.35 11.35 12.48
C THR A 112 -17.53 10.10 12.15
N GLU A 113 -17.98 9.33 11.18
CA GLU A 113 -17.26 8.11 10.79
C GLU A 113 -15.79 8.40 10.44
N HIS A 114 -15.55 9.49 9.70
CA HIS A 114 -14.17 9.91 9.34
C HIS A 114 -13.33 10.31 10.55
N LEU A 115 -13.96 11.01 11.50
CA LEU A 115 -13.30 11.39 12.75
C LEU A 115 -12.98 10.13 13.54
N LYS A 116 -13.94 9.20 13.58
CA LYS A 116 -13.71 7.93 14.25
C LYS A 116 -12.54 7.14 13.67
N GLU A 117 -12.48 6.98 12.35
CA GLU A 117 -11.39 6.18 11.79
C GLU A 117 -10.03 6.90 11.77
N SER A 118 -10.02 8.23 11.77
CA SER A 118 -8.77 8.97 11.71
C SER A 118 -8.20 9.36 13.07
N GLY A 119 -9.05 9.44 14.09
CA GLY A 119 -8.60 9.96 15.37
C GLY A 119 -8.39 11.48 15.31
N LEU A 120 -8.84 12.12 14.24
CA LEU A 120 -8.60 13.54 14.04
C LEU A 120 -9.21 14.43 15.14
N GLY A 121 -10.37 14.05 15.64
CA GLY A 121 -10.97 14.83 16.71
C GLY A 121 -10.04 14.97 17.92
N ARG A 122 -9.34 13.90 18.27
CA ARG A 122 -8.55 13.94 19.49
C ARG A 122 -7.40 14.96 19.34
N VAL A 123 -6.76 15.00 18.18
CA VAL A 123 -5.63 15.93 18.01
C VAL A 123 -6.12 17.39 17.93
N VAL A 124 -7.29 17.62 17.33
CA VAL A 124 -7.81 18.98 17.26
C VAL A 124 -8.12 19.54 18.66
N ILE A 125 -8.68 18.72 19.54
CA ILE A 125 -8.85 19.10 20.95
C ILE A 125 -7.50 19.53 21.56
N PHE A 126 -6.45 18.76 21.32
CA PHE A 126 -5.14 19.17 21.83
C PHE A 126 -4.77 20.60 21.40
N TYR A 127 -5.11 20.99 20.17
CA TYR A 127 -4.84 22.35 19.71
C TYR A 127 -5.65 23.43 20.41
N THR A 128 -6.73 23.05 21.09
CA THR A 128 -7.48 24.04 21.87
C THR A 128 -6.92 24.17 23.28
N LYS A 129 -6.07 23.23 23.71
CA LYS A 129 -5.44 23.35 25.03
C LYS A 129 -3.98 23.84 24.99
N SER A 130 -3.26 23.53 23.92
CA SER A 130 -1.81 23.74 23.91
C SER A 130 -1.47 25.21 24.12
N LYS A 131 -0.41 25.45 24.87
CA LYS A 131 0.05 26.83 25.08
C LYS A 131 0.94 27.30 23.93
N ARG A 132 1.47 26.37 23.14
CA ARG A 132 2.39 26.74 22.06
C ARG A 132 1.68 27.01 20.73
N VAL A 133 0.35 26.94 20.72
CA VAL A 133 -0.43 27.16 19.49
C VAL A 133 -0.82 28.63 19.37
N GLU A 134 -0.62 29.23 18.21
CA GLU A 134 -0.99 30.64 18.01
C GLU A 134 -2.50 30.80 18.14
N ALA A 135 -2.92 31.97 18.59
CA ALA A 135 -4.29 32.19 19.04
C ALA A 135 -5.26 32.07 17.88
N GLN A 136 -4.90 32.57 16.71
CA GLN A 136 -5.75 32.37 15.52
C GLN A 136 -5.97 30.88 15.17
N LEU A 137 -4.95 30.05 15.28
CA LEU A 137 -5.15 28.62 14.98
C LEU A 137 -5.96 27.93 16.08
N ALA A 138 -5.90 28.45 17.31
CA ALA A 138 -6.69 27.84 18.37
C ALA A 138 -8.14 28.17 18.11
N ARG A 139 -8.42 29.42 17.67
CA ARG A 139 -9.78 29.74 17.27
C ARG A 139 -10.26 28.82 16.14
N LEU A 140 -9.44 28.57 15.13
CA LEU A 140 -9.85 27.67 14.04
C LEU A 140 -10.15 26.28 14.59
N ALA A 141 -9.27 25.74 15.44
CA ALA A 141 -9.49 24.43 16.05
C ALA A 141 -10.84 24.41 16.79
N GLU A 142 -11.05 25.39 17.66
CA GLU A 142 -12.31 25.47 18.41
C GLU A 142 -13.49 25.52 17.48
N LYS A 143 -13.38 26.27 16.40
CA LYS A 143 -14.47 26.35 15.46
C LYS A 143 -14.74 24.99 14.78
N LEU A 144 -13.69 24.18 14.57
CA LEU A 144 -13.87 22.86 13.96
C LEU A 144 -14.51 21.94 14.98
N ILE A 145 -14.03 21.98 16.21
CA ILE A 145 -14.58 21.11 17.24
C ILE A 145 -16.08 21.38 17.28
N ALA A 146 -16.44 22.67 17.25
CA ALA A 146 -17.84 23.09 17.29
C ALA A 146 -18.65 22.61 16.08
N GLU A 147 -18.09 22.71 14.89
CA GLU A 147 -18.80 22.16 13.75
C GLU A 147 -18.94 20.64 13.83
N TRP A 148 -18.12 19.96 14.65
CA TRP A 148 -18.18 18.49 14.80
C TRP A 148 -18.83 17.97 16.10
N THR A 149 -19.25 18.83 17.00
CA THR A 149 -19.96 18.37 18.20
C THR A 149 -21.31 19.04 18.19
N ARG A 150 -22.04 18.82 17.10
CA ARG A 150 -23.38 19.33 16.96
C ARG A 150 -24.29 18.16 17.32
N PRO A 151 -25.43 18.43 18.01
CA PRO A 151 -26.28 17.35 18.55
C PRO A 151 -27.25 16.71 17.54
N GLY B 1 10.40 2.81 -7.89
CA GLY B 1 10.42 3.90 -6.94
C GLY B 1 9.79 5.17 -7.49
N ILE B 2 8.49 5.33 -7.28
CA ILE B 2 7.79 6.54 -7.73
C ILE B 2 8.20 7.73 -6.86
N ASP B 3 8.45 8.87 -7.50
CA ASP B 3 8.89 10.07 -6.79
C ASP B 3 7.70 10.99 -6.49
N PRO B 4 7.58 11.43 -5.24
CA PRO B 4 6.42 12.28 -4.88
C PRO B 4 6.40 13.63 -5.61
N PHE B 5 7.55 14.18 -5.97
CA PHE B 5 7.66 15.55 -6.49
C PHE B 5 7.85 15.71 -8.00
N THR B 6 7.30 14.78 -8.79
CA THR B 6 7.30 14.94 -10.25
C THR B 6 6.06 14.30 -10.85
N ASP B 7 5.59 14.86 -11.96
CA ASP B 7 4.46 14.31 -12.68
C ASP B 7 4.83 14.31 -14.15
N ASP B 8 6.01 13.78 -14.47
CA ASP B 8 6.39 13.61 -15.87
C ASP B 8 6.13 12.16 -16.35
N LEU B 9 6.59 11.82 -17.57
CA LEU B 9 6.29 10.53 -18.20
C LEU B 9 6.81 9.33 -17.43
N GLU B 10 7.97 9.45 -16.80
CA GLU B 10 8.49 8.36 -16.00
C GLU B 10 7.57 8.06 -14.83
N GLN B 11 7.09 9.08 -14.12
CA GLN B 11 6.18 8.87 -12.99
C GLN B 11 4.85 8.33 -13.48
N TYR B 12 4.42 8.76 -14.67
CA TYR B 12 3.16 8.30 -15.19
C TYR B 12 3.25 6.77 -15.44
N LEU B 13 4.36 6.29 -15.99
CA LEU B 13 4.55 4.85 -16.18
C LEU B 13 4.66 4.10 -14.84
N ASP B 14 5.42 4.62 -13.86
CA ASP B 14 5.42 3.97 -12.56
C ASP B 14 3.97 3.82 -12.04
N GLU B 15 3.19 4.90 -12.06
CA GLU B 15 1.81 4.85 -11.53
C GLU B 15 0.99 3.80 -12.32
N LYS B 16 1.24 3.70 -13.61
CA LYS B 16 0.47 2.75 -14.40
C LYS B 16 0.77 1.30 -13.97
N ILE B 17 2.05 0.95 -13.81
CA ILE B 17 2.43 -0.41 -13.40
C ILE B 17 1.98 -0.75 -11.94
N LEU B 18 2.14 0.21 -11.03
CA LEU B 18 1.70 0.03 -9.64
C LEU B 18 0.18 -0.19 -9.55
N ARG B 19 -0.62 0.55 -10.34
CA ARG B 19 -2.09 0.38 -10.26
C ARG B 19 -2.42 -1.04 -10.79
N LEU B 20 -1.71 -1.46 -11.83
CA LEU B 20 -1.99 -2.78 -12.42
C LEU B 20 -1.58 -3.88 -11.43
N LYS B 21 -0.46 -3.65 -10.74
CA LYS B 21 -0.01 -4.55 -9.71
C LYS B 21 -1.13 -4.71 -8.66
N ASP B 22 -1.73 -3.60 -8.22
CA ASP B 22 -2.84 -3.70 -7.23
C ASP B 22 -4.08 -4.41 -7.81
N GLU B 23 -4.43 -4.10 -9.05
CA GLU B 23 -5.56 -4.77 -9.70
C GLU B 23 -5.36 -6.27 -9.74
N MET B 24 -4.17 -6.68 -10.16
CA MET B 24 -3.84 -8.10 -10.29
C MET B 24 -3.95 -8.81 -8.94
N ASN B 25 -3.37 -8.19 -7.90
CA ASN B 25 -3.38 -8.75 -6.56
C ASN B 25 -4.83 -8.92 -6.04
N ILE B 26 -5.67 -7.92 -6.33
CA ILE B 26 -7.05 -7.97 -5.89
C ILE B 26 -7.84 -9.01 -6.68
N ALA B 27 -7.62 -9.11 -8.00
CA ALA B 27 -8.26 -10.16 -8.78
C ALA B 27 -7.86 -11.54 -8.25
N ALA B 28 -6.58 -11.70 -7.91
CA ALA B 28 -6.11 -12.98 -7.38
C ALA B 28 -6.79 -13.32 -6.05
N GLN B 29 -6.94 -12.33 -5.20
CA GLN B 29 -7.50 -12.55 -3.87
C GLN B 29 -9.00 -12.76 -3.94
N LEU B 30 -9.66 -12.15 -4.91
CA LEU B 30 -11.07 -12.40 -5.06
C LEU B 30 -11.30 -13.84 -5.52
N ASP B 31 -10.41 -14.38 -6.36
CA ASP B 31 -10.62 -15.74 -6.82
C ASP B 31 -10.34 -16.72 -5.69
N ILE B 32 -9.29 -16.47 -4.91
CA ILE B 32 -9.01 -17.27 -3.73
C ILE B 32 -10.21 -17.21 -2.80
N ASP B 33 -10.74 -16.00 -2.57
CA ASP B 33 -11.91 -15.81 -1.72
C ASP B 33 -13.02 -16.76 -2.17
N THR B 34 -13.43 -16.59 -3.42
CA THR B 34 -14.48 -17.36 -4.02
C THR B 34 -14.31 -18.86 -3.79
N LEU B 35 -13.17 -19.37 -4.20
CA LEU B 35 -12.89 -20.79 -4.10
C LEU B 35 -13.15 -21.30 -2.70
N ASN B 36 -12.51 -20.66 -1.72
CA ASN B 36 -12.67 -21.03 -0.32
C ASN B 36 -14.13 -21.08 0.11
N LYS B 37 -14.87 -20.02 -0.16
CA LYS B 37 -16.26 -19.96 0.27
C LYS B 37 -17.01 -21.18 -0.25
N ARG B 38 -16.94 -21.41 -1.55
CA ARG B 38 -17.51 -22.60 -2.16
C ARG B 38 -17.10 -23.87 -1.43
N ILE B 39 -15.83 -23.94 -1.04
CA ILE B 39 -15.31 -25.05 -0.24
C ILE B 39 -16.07 -25.17 1.07
N GLU B 40 -16.17 -24.04 1.78
CA GLU B 40 -16.77 -24.02 3.11
C GLU B 40 -18.23 -24.40 2.97
N THR B 41 -18.83 -24.02 1.85
CA THR B 41 -20.27 -24.11 1.68
C THR B 41 -20.66 -25.14 0.62
N GLY B 42 -19.68 -25.91 0.16
CA GLY B 42 -19.90 -26.88 -0.91
C GLY B 42 -20.67 -26.35 -2.10
N ASP B 43 -20.75 -25.02 -2.21
CA ASP B 43 -21.53 -24.40 -3.29
C ASP B 43 -20.82 -24.57 -4.65
N THR B 44 -21.46 -25.31 -5.54
CA THR B 44 -20.86 -25.68 -6.83
C THR B 44 -20.94 -24.58 -7.88
N SER B 45 -21.94 -23.71 -7.73
CA SER B 45 -22.10 -22.57 -8.63
C SER B 45 -20.90 -21.60 -8.60
N LEU B 46 -20.25 -21.46 -7.45
CA LEU B 46 -19.19 -20.46 -7.26
C LEU B 46 -17.92 -20.73 -8.08
N ILE B 47 -17.59 -19.85 -9.02
CA ILE B 47 -16.35 -20.00 -9.80
C ILE B 47 -15.53 -18.70 -9.94
N ALA B 48 -14.23 -18.85 -10.16
CA ALA B 48 -13.30 -17.72 -10.13
C ALA B 48 -12.89 -17.26 -11.54
N MET B 49 -13.36 -16.09 -11.95
CA MET B 49 -13.02 -15.54 -13.27
C MET B 49 -12.35 -14.12 -13.25
N GLN B 50 -12.00 -13.60 -12.09
CA GLN B 50 -11.43 -12.26 -12.06
C GLN B 50 -10.07 -12.17 -12.77
N LYS B 51 -9.19 -13.12 -12.54
CA LYS B 51 -7.90 -13.09 -13.23
C LYS B 51 -8.15 -13.17 -14.75
N VAL B 52 -9.05 -14.07 -15.17
CA VAL B 52 -9.35 -14.21 -16.59
C VAL B 52 -9.84 -12.88 -17.17
N LYS B 53 -10.75 -12.20 -16.48
CA LYS B 53 -11.27 -10.94 -16.99
C LYS B 53 -10.15 -9.90 -17.12
N LEU B 54 -9.20 -9.92 -16.20
CA LEU B 54 -8.12 -8.92 -16.22
C LEU B 54 -6.96 -9.30 -17.15
N LEU B 55 -6.91 -10.56 -17.59
CA LEU B 55 -5.75 -11.03 -18.38
C LEU B 55 -5.42 -10.16 -19.62
N PRO B 56 -6.42 -9.77 -20.43
CA PRO B 56 -6.00 -8.96 -21.58
C PRO B 56 -5.27 -7.66 -21.18
N LYS B 57 -5.62 -7.01 -20.07
CA LYS B 57 -4.86 -5.83 -19.68
C LYS B 57 -3.44 -6.21 -19.21
N VAL B 58 -3.30 -7.29 -18.44
CA VAL B 58 -1.98 -7.75 -18.03
C VAL B 58 -1.12 -8.00 -19.26
N VAL B 59 -1.64 -8.81 -20.21
CA VAL B 59 -0.90 -9.14 -21.43
C VAL B 59 -0.49 -7.89 -22.25
N SER B 60 -1.33 -6.88 -22.33
CA SER B 60 -0.97 -5.72 -23.15
C SER B 60 0.22 -4.97 -22.49
N VAL B 61 0.28 -4.92 -21.16
CA VAL B 61 1.43 -4.32 -20.52
C VAL B 61 2.68 -5.19 -20.66
N LEU B 62 2.58 -6.46 -20.28
CA LEU B 62 3.76 -7.35 -20.30
C LEU B 62 4.43 -7.46 -21.68
N SER B 63 3.63 -7.39 -22.75
CA SER B 63 4.11 -7.51 -24.14
C SER B 63 4.78 -6.26 -24.69
N LYS B 64 4.67 -5.16 -23.97
CA LYS B 64 5.26 -3.93 -24.47
C LYS B 64 6.75 -3.88 -24.12
N ALA B 65 7.55 -4.09 -25.16
CA ALA B 65 8.98 -4.06 -25.06
C ALA B 65 9.47 -2.84 -24.31
N ASN B 66 8.88 -1.68 -24.58
CA ASN B 66 9.38 -0.44 -23.98
C ASN B 66 8.90 -0.22 -22.52
N LEU B 67 8.11 -1.14 -21.98
CA LEU B 67 7.66 -1.08 -20.58
C LEU B 67 8.45 -2.04 -19.71
N ALA B 68 9.35 -2.81 -20.33
CA ALA B 68 10.14 -3.82 -19.61
C ALA B 68 10.83 -3.25 -18.35
N ASP B 69 11.51 -2.11 -18.49
CA ASP B 69 12.26 -1.57 -17.36
C ASP B 69 11.37 -1.18 -16.19
N THR B 70 10.22 -0.58 -16.50
CA THR B 70 9.31 -0.12 -15.46
C THR B 70 8.63 -1.33 -14.79
N ILE B 71 8.33 -2.34 -15.60
CA ILE B 71 7.73 -3.60 -15.12
C ILE B 71 8.68 -4.24 -14.10
N LEU B 72 9.96 -4.32 -14.46
CA LEU B 72 10.94 -4.98 -13.61
C LEU B 72 11.36 -4.11 -12.41
N ASP B 73 11.48 -2.79 -12.58
CA ASP B 73 11.85 -1.92 -11.45
C ASP B 73 10.75 -1.87 -10.41
N ASN B 74 9.50 -2.06 -10.82
CA ASN B 74 8.41 -1.95 -9.85
C ASN B 74 7.92 -3.30 -9.30
N ASN B 75 8.68 -4.36 -9.54
CA ASN B 75 8.31 -5.68 -9.01
C ASN B 75 6.90 -6.16 -9.43
N LEU B 76 6.53 -5.88 -10.67
CA LEU B 76 5.28 -6.43 -11.20
C LEU B 76 5.36 -7.98 -11.25
N LEU B 77 6.57 -8.54 -11.34
CA LEU B 77 6.72 -9.99 -11.41
C LEU B 77 6.23 -10.67 -10.13
N GLN B 78 6.14 -9.92 -9.05
CA GLN B 78 5.58 -10.49 -7.82
C GLN B 78 4.11 -10.84 -8.02
N SER B 79 3.37 -9.98 -8.76
CA SER B 79 1.95 -10.26 -9.06
C SER B 79 1.80 -11.40 -10.05
N VAL B 80 2.78 -11.53 -10.95
CA VAL B 80 2.80 -12.62 -11.89
C VAL B 80 2.94 -13.93 -11.12
N ARG B 81 3.85 -13.95 -10.14
CA ARG B 81 4.05 -15.14 -9.33
C ARG B 81 2.73 -15.53 -8.66
N ILE B 82 2.05 -14.55 -8.10
CA ILE B 82 0.81 -14.79 -7.40
C ILE B 82 -0.25 -15.37 -8.34
N TRP B 83 -0.35 -14.81 -9.56
CA TRP B 83 -1.26 -15.34 -10.57
C TRP B 83 -0.94 -16.80 -10.93
N LEU B 84 0.34 -17.18 -10.91
CA LEU B 84 0.72 -18.55 -11.32
C LEU B 84 0.51 -19.58 -10.21
N GLU B 85 0.42 -19.14 -8.97
CA GLU B 85 0.41 -20.06 -7.83
C GLU B 85 -0.83 -20.94 -7.78
N PRO B 86 -0.68 -22.17 -7.30
CA PRO B 86 -1.85 -23.02 -7.04
C PRO B 86 -2.78 -22.35 -6.04
N LEU B 87 -4.08 -22.47 -6.28
CA LEU B 87 -5.13 -22.10 -5.31
C LEU B 87 -5.20 -23.07 -4.11
N PRO B 88 -6.00 -22.73 -3.10
CA PRO B 88 -6.02 -23.51 -1.85
C PRO B 88 -6.46 -24.96 -2.04
N ASP B 89 -7.36 -25.21 -2.96
CA ASP B 89 -7.79 -26.57 -3.28
C ASP B 89 -6.80 -27.26 -4.22
N GLY B 90 -5.59 -26.72 -4.34
CA GLY B 90 -4.56 -27.32 -5.19
C GLY B 90 -4.67 -27.08 -6.69
N SER B 91 -5.73 -26.46 -7.17
CA SER B 91 -5.95 -26.30 -8.60
C SER B 91 -5.09 -25.16 -9.21
N LEU B 92 -4.93 -25.21 -10.53
CA LEU B 92 -4.10 -24.26 -11.23
C LEU B 92 -4.97 -23.19 -11.87
N PRO B 93 -4.39 -22.02 -12.15
CA PRO B 93 -5.09 -21.00 -12.95
C PRO B 93 -5.30 -21.54 -14.36
N SER B 94 -6.09 -20.87 -15.19
CA SER B 94 -6.46 -21.42 -16.49
C SER B 94 -5.25 -21.51 -17.42
N PHE B 95 -5.38 -22.37 -18.43
CA PHE B 95 -4.29 -22.59 -19.35
C PHE B 95 -3.84 -21.28 -19.98
N GLU B 96 -4.81 -20.42 -20.33
CA GLU B 96 -4.54 -19.18 -21.02
C GLU B 96 -3.71 -18.24 -20.15
N ILE B 97 -3.98 -18.23 -18.85
CA ILE B 97 -3.20 -17.40 -17.94
C ILE B 97 -1.78 -17.95 -17.87
N GLN B 98 -1.65 -19.27 -17.78
CA GLN B 98 -0.34 -19.91 -17.65
C GLN B 98 0.50 -19.62 -18.88
N LYS B 99 -0.09 -19.87 -20.05
CA LYS B 99 0.64 -19.74 -21.30
C LYS B 99 1.02 -18.28 -21.53
N SER B 100 0.11 -17.35 -21.29
CA SER B 100 0.37 -15.95 -21.56
C SER B 100 1.49 -15.45 -20.61
N LEU B 101 1.43 -15.85 -19.35
CA LEU B 101 2.41 -15.34 -18.39
C LEU B 101 3.78 -15.92 -18.75
N PHE B 102 3.83 -17.23 -19.09
CA PHE B 102 5.09 -17.86 -19.47
C PHE B 102 5.69 -17.29 -20.75
N ALA B 103 4.86 -17.02 -21.77
CA ALA B 103 5.37 -16.39 -22.99
C ALA B 103 5.93 -15.00 -22.67
N ALA B 104 5.31 -14.30 -21.76
CA ALA B 104 5.79 -12.98 -21.39
C ALA B 104 7.16 -13.09 -20.69
N LEU B 105 7.29 -14.04 -19.77
CA LEU B 105 8.53 -14.23 -19.05
C LEU B 105 9.69 -14.53 -20.00
N ASN B 106 9.39 -15.30 -21.03
CA ASN B 106 10.41 -15.66 -21.98
C ASN B 106 10.97 -14.42 -22.64
N ASP B 107 10.14 -13.39 -22.83
CA ASP B 107 10.61 -12.20 -23.55
C ASP B 107 11.18 -11.08 -22.67
N LEU B 108 10.97 -11.13 -21.36
CA LEU B 108 11.47 -10.07 -20.46
C LEU B 108 12.91 -10.36 -20.08
N PRO B 109 13.74 -9.30 -19.98
CA PRO B 109 15.13 -9.46 -19.51
C PRO B 109 15.18 -9.55 -17.99
N VAL B 110 14.60 -10.64 -17.48
CA VAL B 110 14.55 -10.92 -16.06
C VAL B 110 15.97 -11.19 -15.52
N LYS B 111 16.34 -10.50 -14.44
CA LYS B 111 17.62 -10.74 -13.81
C LYS B 111 17.41 -11.36 -12.45
N THR B 112 18.51 -11.80 -11.87
CA THR B 112 18.57 -12.41 -10.54
C THR B 112 17.85 -11.61 -9.49
N GLU B 113 18.18 -10.33 -9.40
CA GLU B 113 17.59 -9.47 -8.37
C GLU B 113 16.05 -9.45 -8.49
N HIS B 114 15.51 -9.56 -9.70
CA HIS B 114 14.05 -9.50 -9.85
C HIS B 114 13.42 -10.82 -9.40
N LEU B 115 14.12 -11.91 -9.70
CA LEU B 115 13.66 -13.23 -9.29
C LEU B 115 13.63 -13.27 -7.76
N LYS B 116 14.68 -12.72 -7.14
CA LYS B 116 14.79 -12.74 -5.71
C LYS B 116 13.68 -11.93 -5.05
N GLU B 117 13.42 -10.70 -5.49
CA GLU B 117 12.33 -9.95 -4.87
C GLU B 117 10.90 -10.42 -5.25
N SER B 118 10.73 -11.13 -6.34
CA SER B 118 9.36 -11.52 -6.72
C SER B 118 8.99 -12.88 -6.18
N GLY B 119 10.01 -13.69 -5.82
CA GLY B 119 9.78 -15.09 -5.47
C GLY B 119 9.38 -15.95 -6.68
N LEU B 120 9.51 -15.37 -7.86
CA LEU B 120 9.01 -16.02 -9.07
C LEU B 120 9.67 -17.38 -9.36
N GLY B 121 10.95 -17.51 -9.04
CA GLY B 121 11.66 -18.74 -9.29
C GLY B 121 11.01 -19.92 -8.59
N ARG B 122 10.48 -19.66 -7.40
CA ARG B 122 9.86 -20.71 -6.59
C ARG B 122 8.63 -21.36 -7.27
N VAL B 123 7.72 -20.55 -7.80
CA VAL B 123 6.54 -21.08 -8.42
C VAL B 123 6.91 -21.71 -9.76
N VAL B 124 7.87 -21.15 -10.49
CA VAL B 124 8.22 -21.76 -11.79
C VAL B 124 8.81 -23.18 -11.56
N ILE B 125 9.52 -23.36 -10.45
CA ILE B 125 10.01 -24.70 -10.14
C ILE B 125 8.85 -25.65 -9.91
N PHE B 126 7.83 -25.17 -9.23
CA PHE B 126 6.62 -25.96 -9.01
C PHE B 126 6.02 -26.41 -10.36
N TYR B 127 6.04 -25.53 -11.34
CA TYR B 127 5.53 -25.88 -12.66
C TYR B 127 6.34 -26.98 -13.35
N THR B 128 7.63 -27.17 -13.01
CA THR B 128 8.39 -28.25 -13.59
C THR B 128 8.06 -29.58 -12.87
N LYS B 129 7.27 -29.52 -11.81
CA LYS B 129 7.03 -30.73 -10.99
C LYS B 129 5.58 -31.18 -11.04
N SER B 130 4.66 -30.24 -11.12
CA SER B 130 3.25 -30.56 -10.95
C SER B 130 2.73 -31.47 -12.09
N LYS B 131 2.02 -32.53 -11.72
CA LYS B 131 1.39 -33.43 -12.68
C LYS B 131 0.19 -32.81 -13.39
N ARG B 132 -0.20 -31.61 -12.99
CA ARG B 132 -1.37 -30.99 -13.62
C ARG B 132 -1.03 -29.99 -14.72
N VAL B 133 0.26 -29.74 -14.93
CA VAL B 133 0.68 -28.78 -15.92
C VAL B 133 0.85 -29.47 -17.27
N GLU B 134 0.35 -28.85 -18.34
CA GLU B 134 0.54 -29.38 -19.68
C GLU B 134 2.03 -29.49 -20.04
N ALA B 135 2.41 -30.60 -20.68
CA ALA B 135 3.79 -30.90 -21.02
C ALA B 135 4.51 -29.70 -21.61
N GLN B 136 3.91 -29.06 -22.61
CA GLN B 136 4.57 -27.91 -23.25
C GLN B 136 4.91 -26.77 -22.27
N LEU B 137 4.03 -26.48 -21.32
CA LEU B 137 4.31 -25.41 -20.36
C LEU B 137 5.33 -25.87 -19.33
N ALA B 138 5.30 -27.15 -18.97
CA ALA B 138 6.35 -27.72 -18.15
C ALA B 138 7.71 -27.52 -18.85
N ARG B 139 7.76 -27.78 -20.16
CA ARG B 139 9.00 -27.60 -20.90
C ARG B 139 9.40 -26.11 -20.89
N LEU B 140 8.42 -25.20 -21.01
CA LEU B 140 8.69 -23.78 -20.93
C LEU B 140 9.31 -23.42 -19.59
N ALA B 141 8.75 -23.93 -18.50
CA ALA B 141 9.25 -23.65 -17.17
C ALA B 141 10.68 -24.19 -16.98
N GLU B 142 10.97 -25.40 -17.46
CA GLU B 142 12.35 -25.91 -17.44
C GLU B 142 13.32 -25.01 -18.23
N LYS B 143 12.93 -24.52 -19.40
CA LYS B 143 13.81 -23.67 -20.16
C LYS B 143 14.07 -22.32 -19.45
N LEU B 144 13.06 -21.78 -18.75
CA LEU B 144 13.22 -20.53 -18.01
C LEU B 144 14.21 -20.72 -16.86
N ILE B 145 14.05 -21.80 -16.10
CA ILE B 145 14.98 -22.14 -15.03
C ILE B 145 16.43 -22.31 -15.56
N ALA B 146 16.63 -23.05 -16.65
CA ALA B 146 17.95 -23.15 -17.27
C ALA B 146 18.55 -21.78 -17.59
N GLU B 147 17.76 -20.92 -18.23
CA GLU B 147 18.25 -19.61 -18.60
C GLU B 147 18.59 -18.80 -17.36
N TRP B 148 17.68 -18.78 -16.40
CA TRP B 148 17.88 -17.95 -15.22
C TRP B 148 19.02 -18.42 -14.33
N THR B 149 19.34 -19.71 -14.36
CA THR B 149 20.36 -20.25 -13.48
C THR B 149 21.75 -20.17 -14.10
N ARG B 150 21.81 -19.80 -15.37
CA ARG B 150 23.03 -19.87 -16.17
C ARG B 150 24.09 -18.85 -15.74
N PRO B 151 23.69 -17.76 -15.05
CA PRO B 151 24.69 -16.90 -14.40
C PRO B 151 25.07 -17.42 -13.01
N ASP C 1 38.32 -23.36 0.05
CA ASP C 1 38.34 -22.41 -1.09
C ASP C 1 37.41 -22.83 -2.27
N PRO C 2 37.82 -23.78 -3.13
CA PRO C 2 36.79 -24.27 -4.07
C PRO C 2 35.53 -24.81 -3.35
N PHE C 3 35.71 -25.48 -2.21
CA PHE C 3 34.57 -25.90 -1.41
C PHE C 3 33.74 -24.67 -0.95
N THR C 4 34.40 -23.66 -0.38
CA THR C 4 33.71 -22.44 0.01
C THR C 4 32.99 -21.80 -1.18
N HIS C 5 33.66 -21.75 -2.32
CA HIS C 5 33.13 -20.99 -3.44
C HIS C 5 31.89 -21.73 -3.94
N MET C 6 31.98 -23.06 -3.99
CA MET C 6 30.85 -23.87 -4.45
C MET C 6 29.70 -23.73 -3.46
N SER C 7 29.99 -23.70 -2.15
CA SER C 7 28.91 -23.49 -1.17
C SER C 7 28.27 -22.10 -1.25
N ASP C 8 29.07 -21.06 -1.47
CA ASP C 8 28.47 -19.74 -1.67
C ASP C 8 27.57 -19.72 -2.87
N LYS C 9 27.97 -20.39 -3.95
CA LYS C 9 27.16 -20.34 -5.16
C LYS C 9 25.85 -21.09 -4.93
N ILE C 10 25.92 -22.23 -4.27
CA ILE C 10 24.71 -22.99 -3.93
C ILE C 10 23.80 -22.22 -2.97
N ASP C 11 24.36 -21.63 -1.90
CA ASP C 11 23.57 -20.79 -1.00
C ASP C 11 22.82 -19.72 -1.82
N GLU C 12 23.55 -19.08 -2.75
CA GLU C 12 22.95 -18.10 -3.64
C GLU C 12 21.75 -18.67 -4.44
N MET C 13 21.90 -19.87 -5.02
CA MET C 13 20.76 -20.51 -5.69
C MET C 13 19.57 -20.66 -4.74
N TYR C 14 19.85 -21.08 -3.53
CA TYR C 14 18.82 -21.26 -2.55
C TYR C 14 18.16 -19.90 -2.21
N ASP C 15 18.96 -18.84 -2.07
CA ASP C 15 18.42 -17.53 -1.69
C ASP C 15 17.46 -17.04 -2.82
N ILE C 16 17.81 -17.32 -4.08
CA ILE C 16 16.98 -16.89 -5.21
C ILE C 16 15.77 -17.80 -5.42
N PHE C 17 16.00 -19.11 -5.51
CA PHE C 17 15.03 -20.07 -6.03
C PHE C 17 14.27 -20.84 -4.95
N GLY C 18 14.72 -20.73 -3.71
CA GLY C 18 14.16 -21.57 -2.66
C GLY C 18 14.66 -23.00 -2.77
N ASP C 19 14.17 -23.89 -1.93
CA ASP C 19 14.70 -25.24 -1.90
C ASP C 19 13.93 -26.18 -2.85
N GLY C 20 12.92 -25.65 -3.53
CA GLY C 20 12.13 -26.39 -4.48
C GLY C 20 10.91 -27.10 -3.89
N HIS C 21 10.58 -26.82 -2.63
CA HIS C 21 9.53 -27.54 -1.92
C HIS C 21 8.45 -26.58 -1.38
N ASP C 22 8.53 -25.31 -1.77
CA ASP C 22 7.60 -24.29 -1.30
C ASP C 22 6.12 -24.58 -1.58
N TYR C 23 5.82 -25.31 -2.66
CA TYR C 23 4.44 -25.64 -2.97
C TYR C 23 4.16 -27.14 -2.81
N ASP C 24 4.93 -27.80 -1.94
CA ASP C 24 4.74 -29.26 -1.76
C ASP C 24 3.33 -29.56 -1.32
N TRP C 25 2.74 -28.66 -0.55
CA TRP C 25 1.37 -28.89 -0.10
C TRP C 25 0.42 -29.12 -1.30
N ALA C 26 0.64 -28.40 -2.40
CA ALA C 26 -0.20 -28.52 -3.56
C ALA C 26 0.14 -29.79 -4.34
N LEU C 27 1.42 -30.12 -4.37
CA LEU C 27 1.85 -31.35 -5.02
C LEU C 27 1.22 -32.57 -4.32
N GLU C 28 1.07 -32.48 -3.00
CA GLU C 28 0.52 -33.61 -2.25
C GLU C 28 -0.94 -33.78 -2.62
N ILE C 29 -1.67 -32.66 -2.64
CA ILE C 29 -3.07 -32.67 -2.99
C ILE C 29 -3.35 -33.23 -4.39
N GLU C 30 -2.53 -32.91 -5.38
CA GLU C 30 -2.86 -33.38 -6.71
C GLU C 30 -2.56 -34.88 -6.80
N ASN C 31 -1.90 -35.41 -5.78
CA ASN C 31 -1.70 -36.84 -5.62
C ASN C 31 -2.80 -37.46 -4.75
N PHE D 3 -34.97 14.23 17.98
CA PHE D 3 -34.89 14.27 19.44
C PHE D 3 -34.93 12.88 20.05
N THR D 4 -35.42 11.93 19.28
CA THR D 4 -35.67 10.59 19.75
C THR D 4 -34.49 9.87 20.41
N HIS D 5 -33.29 10.13 19.90
CA HIS D 5 -32.09 9.47 20.38
C HIS D 5 -31.07 10.52 20.72
N MET D 6 -31.53 11.76 20.90
CA MET D 6 -30.62 12.89 21.12
C MET D 6 -29.74 12.67 22.33
N SER D 7 -30.14 11.77 23.22
CA SER D 7 -29.35 11.50 24.41
C SER D 7 -28.07 10.77 24.00
N ASP D 8 -28.19 9.94 22.97
CA ASP D 8 -27.10 9.16 22.40
C ASP D 8 -25.96 10.03 21.86
N LYS D 9 -26.25 11.29 21.56
CA LYS D 9 -25.23 12.16 21.01
C LYS D 9 -24.05 12.31 21.97
N ILE D 10 -24.28 12.16 23.27
CA ILE D 10 -23.19 12.24 24.25
C ILE D 10 -22.18 11.12 23.95
N ASP D 11 -22.72 9.92 23.80
CA ASP D 11 -21.94 8.73 23.58
C ASP D 11 -21.15 8.86 22.31
N GLU D 12 -21.73 9.56 21.34
CA GLU D 12 -21.06 9.73 20.07
C GLU D 12 -19.82 10.67 20.21
N MET D 13 -19.95 11.72 21.03
CA MET D 13 -18.81 12.56 21.41
C MET D 13 -17.70 11.71 21.90
N TYR D 14 -18.03 10.86 22.87
CA TYR D 14 -17.06 9.94 23.42
C TYR D 14 -16.44 9.04 22.34
N ASP D 15 -17.24 8.59 21.38
CA ASP D 15 -16.69 7.72 20.32
C ASP D 15 -15.66 8.50 19.50
N ILE D 16 -15.92 9.78 19.29
CA ILE D 16 -15.00 10.63 18.51
C ILE D 16 -13.79 11.09 19.33
N PHE D 17 -14.01 11.53 20.57
CA PHE D 17 -12.96 12.22 21.32
C PHE D 17 -12.22 11.40 22.38
N GLY D 18 -12.82 10.30 22.82
CA GLY D 18 -12.25 9.53 23.91
C GLY D 18 -12.25 10.36 25.19
N ASP D 19 -11.35 10.03 26.11
CA ASP D 19 -11.35 10.65 27.44
C ASP D 19 -10.54 11.96 27.48
N GLY D 20 -9.84 12.28 26.40
CA GLY D 20 -9.19 13.58 26.26
C GLY D 20 -7.75 13.66 26.74
N HIS D 21 -7.16 12.54 27.18
CA HIS D 21 -5.86 12.57 27.85
C HIS D 21 -4.73 11.97 27.04
N ASP D 22 -5.00 11.59 25.78
CA ASP D 22 -3.95 11.04 24.92
C ASP D 22 -2.70 11.93 24.86
N TYR D 23 -2.87 13.22 25.03
CA TYR D 23 -1.76 14.14 24.76
C TYR D 23 -1.29 14.87 26.02
N ASP D 24 -1.72 14.39 27.19
CA ASP D 24 -1.38 15.08 28.42
C ASP D 24 0.15 15.12 28.59
N TRP D 25 0.84 14.07 28.16
CA TRP D 25 2.28 14.03 28.29
C TRP D 25 2.91 15.25 27.61
N ALA D 26 2.38 15.61 26.43
CA ALA D 26 2.92 16.75 25.68
C ALA D 26 2.52 18.07 26.35
N LEU D 27 1.30 18.16 26.86
CA LEU D 27 0.86 19.35 27.60
C LEU D 27 1.71 19.57 28.85
N GLU D 28 2.13 18.46 29.47
CA GLU D 28 2.90 18.54 30.71
C GLU D 28 4.32 19.00 30.39
N ILE D 29 4.87 18.52 29.27
CA ILE D 29 6.18 18.97 28.85
C ILE D 29 6.22 20.48 28.74
N GLU D 30 5.24 21.05 28.06
CA GLU D 30 5.16 22.50 27.92
C GLU D 30 5.24 23.18 29.28
N ASN D 31 4.47 22.69 30.25
CA ASN D 31 4.51 23.25 31.60
C ASN D 31 5.78 22.87 32.36
#